data_5OV5
#
_entry.id   5OV5
#
_cell.length_a   49.160
_cell.length_b   62.700
_cell.length_c   91.830
_cell.angle_alpha   90.00
_cell.angle_beta   90.00
_cell.angle_gamma   90.00
#
_symmetry.space_group_name_H-M   'P 21 21 21'
#
loop_
_entity.id
_entity.type
_entity.pdbx_description
1 polymer 'Porphobilinogen deaminase'
2 non-polymer '3-[5-{[3-(2-carboxyethyl)-4-(carboxymethyl)-5-methyl-1H-pyrrol-2-yl]methyl}-4-(carboxymethyl)-1H-pyrrol-3-yl]propanoic acid'
3 water water
#
_entity_poly.entity_id   1
_entity_poly.type   'polypeptide(L)'
_entity_poly.pdbx_seq_one_letter_code
;HMRKIIVGSRRSKLALTQTKWVIEQLKKQGLPFEFEIKEMVTKGDQILNVTLSKVGGKGLFVKEIEQAMLDKEIDMAVHS
MKEMPAVLPEGLTIGCIPLREDHRDALISKNGERFEELPSGAVIGTSSLRRGAQLLSMRSDIEIKWIRGNIDTRLEKLKN
EDYDAIILAAAGLSRMGWSKDTVTQYLEPEISVPAVGQGALAIECRENDHELLSLLQALNHDETARAVRAERVFLKEMEG
GCQVPIAGYGRILDGGNIELTSLVASPDGKTIYKEHITGKDPIAIGSEAAERLTSQGAKLLIDRVKEELDK
;
_entity_poly.pdbx_strand_id   A
#
loop_
_chem_comp.id
_chem_comp.type
_chem_comp.name
_chem_comp.formula
DPM non-polymer '3-[5-{[3-(2-carboxyethyl)-4-(carboxymethyl)-5-methyl-1H-pyrrol-2-yl]methyl}-4-(carboxymethyl)-1H-pyrrol-3-yl]propanoic acid' 'C20 H24 N2 O8'
#
# COMPACT_ATOMS: atom_id res chain seq x y z
N HIS A 1 22.73 -29.01 -8.01
CA HIS A 1 23.67 -27.89 -8.14
C HIS A 1 22.95 -26.64 -8.61
N MET A 2 21.89 -26.28 -7.90
CA MET A 2 21.07 -25.12 -8.23
C MET A 2 21.27 -24.04 -7.18
N ARG A 3 21.30 -22.78 -7.64
CA ARG A 3 21.27 -21.66 -6.71
C ARG A 3 20.00 -21.73 -5.87
N LYS A 4 20.15 -21.57 -4.56
CA LYS A 4 19.01 -21.54 -3.65
C LYS A 4 18.75 -20.07 -3.30
N ILE A 5 17.60 -19.56 -3.72
CA ILE A 5 17.23 -18.17 -3.43
C ILE A 5 16.72 -18.09 -2.00
N ILE A 6 17.37 -17.28 -1.17
CA ILE A 6 16.92 -17.04 0.19
C ILE A 6 15.98 -15.85 0.21
N VAL A 7 14.74 -16.08 0.62
CA VAL A 7 13.71 -15.05 0.66
C VAL A 7 13.43 -14.72 2.13
N GLY A 8 13.79 -13.50 2.54
CA GLY A 8 13.47 -13.07 3.89
C GLY A 8 12.01 -12.62 4.00
N SER A 9 11.40 -12.90 5.15
CA SER A 9 10.00 -12.56 5.33
C SER A 9 9.73 -12.12 6.76
N ARG A 10 8.84 -11.15 6.92
CA ARG A 10 8.21 -10.87 8.20
C ARG A 10 7.48 -12.12 8.70
N ARG A 11 7.27 -12.17 10.02
CA ARG A 11 6.72 -13.37 10.66
C ARG A 11 5.20 -13.50 10.52
N SER A 12 4.49 -12.43 10.14
CA SER A 12 3.03 -12.44 10.16
C SER A 12 2.46 -13.43 9.15
N LYS A 13 1.18 -13.78 9.35
CA LYS A 13 0.54 -14.72 8.43
C LYS A 13 0.32 -14.11 7.06
N LEU A 14 0.02 -12.81 7.01
CA LEU A 14 -0.12 -12.14 5.72
C LEU A 14 1.21 -12.08 4.99
N ALA A 15 2.29 -11.74 5.69
CA ALA A 15 3.58 -11.62 5.02
C ALA A 15 4.05 -12.98 4.50
N LEU A 16 3.85 -14.04 5.28
CA LEU A 16 4.26 -15.37 4.82
C LEU A 16 3.36 -15.86 3.69
N THR A 17 2.07 -15.54 3.73
CA THR A 17 1.18 -15.89 2.62
C THR A 17 1.64 -15.21 1.33
N GLN A 18 1.95 -13.91 1.39
CA GLN A 18 2.45 -13.20 0.22
C GLN A 18 3.78 -13.75 -0.26
N THR A 19 4.68 -14.05 0.68
CA THR A 19 5.98 -14.59 0.31
C THR A 19 5.81 -15.93 -0.40
N LYS A 20 5.06 -16.85 0.19
CA LYS A 20 4.83 -18.14 -0.46
C LYS A 20 4.13 -17.99 -1.82
N TRP A 21 3.20 -17.05 -1.94
CA TRP A 21 2.56 -16.84 -3.25
C TRP A 21 3.60 -16.48 -4.31
N VAL A 22 4.50 -15.56 -3.99
CA VAL A 22 5.53 -15.16 -4.95
C VAL A 22 6.41 -16.35 -5.32
N ILE A 23 6.84 -17.12 -4.32
CA ILE A 23 7.71 -18.26 -4.60
C ILE A 23 7.01 -19.27 -5.50
N GLU A 24 5.74 -19.57 -5.20
CA GLU A 24 4.98 -20.50 -6.03
C GLU A 24 4.88 -20.00 -7.47
N GLN A 25 4.73 -18.68 -7.64
CA GLN A 25 4.63 -18.11 -8.98
C GLN A 25 5.96 -18.22 -9.72
N LEU A 26 7.07 -17.94 -9.05
CA LEU A 26 8.37 -18.07 -9.71
C LEU A 26 8.66 -19.51 -10.12
N LYS A 27 8.23 -20.48 -9.31
CA LYS A 27 8.40 -21.89 -9.66
C LYS A 27 7.68 -22.26 -10.95
N LYS A 28 6.60 -21.56 -11.32
CA LYS A 28 5.93 -21.86 -12.58
C LYS A 28 6.87 -21.71 -13.78
N GLN A 29 7.98 -20.96 -13.64
CA GLN A 29 8.86 -20.79 -14.79
C GLN A 29 9.70 -22.03 -15.08
N GLY A 30 9.79 -22.96 -14.14
CA GLY A 30 10.55 -24.18 -14.38
C GLY A 30 12.01 -23.93 -14.68
N LEU A 31 12.57 -22.83 -14.13
CA LEU A 31 13.98 -22.50 -14.20
C LEU A 31 14.72 -23.15 -13.04
N PRO A 32 16.01 -23.43 -13.21
CA PRO A 32 16.74 -24.18 -12.18
C PRO A 32 17.10 -23.36 -10.96
N PHE A 33 16.12 -23.11 -10.09
CA PHE A 33 16.35 -22.42 -8.83
C PHE A 33 15.62 -23.13 -7.72
N GLU A 34 16.20 -23.09 -6.52
CA GLU A 34 15.55 -23.48 -5.28
C GLU A 34 15.20 -22.25 -4.47
N PHE A 35 14.23 -22.40 -3.57
CA PHE A 35 13.72 -21.30 -2.76
C PHE A 35 13.60 -21.70 -1.30
N GLU A 36 14.01 -20.80 -0.40
CA GLU A 36 13.90 -21.04 1.02
C GLU A 36 13.50 -19.75 1.73
N ILE A 37 12.54 -19.85 2.65
CA ILE A 37 12.10 -18.70 3.43
C ILE A 37 12.92 -18.61 4.71
N LYS A 38 13.44 -17.41 5.00
CA LYS A 38 14.05 -17.12 6.28
C LYS A 38 13.20 -16.08 6.99
N GLU A 39 12.65 -16.44 8.15
CA GLU A 39 11.85 -15.49 8.91
C GLU A 39 12.77 -14.50 9.60
N MET A 40 12.42 -13.21 9.52
CA MET A 40 13.27 -12.15 10.03
C MET A 40 12.68 -11.56 11.31
N PHE A 61 12.88 -2.64 11.36
CA PHE A 61 12.53 -3.90 10.71
C PHE A 61 12.80 -3.88 9.21
N VAL A 62 12.30 -2.84 8.55
CA VAL A 62 12.65 -2.63 7.15
C VAL A 62 14.16 -2.48 7.01
N LYS A 63 14.78 -1.74 7.95
CA LYS A 63 16.23 -1.63 7.96
C LYS A 63 16.88 -2.99 8.13
N GLU A 64 16.32 -3.84 8.99
CA GLU A 64 16.86 -5.18 9.21
C GLU A 64 16.90 -5.97 7.91
N ILE A 65 15.77 -6.02 7.19
CA ILE A 65 15.69 -6.79 5.95
C ILE A 65 16.65 -6.22 4.92
N GLU A 66 16.67 -4.89 4.76
CA GLU A 66 17.56 -4.31 3.76
C GLU A 66 19.02 -4.54 4.10
N GLN A 67 19.38 -4.46 5.39
CA GLN A 67 20.76 -4.75 5.77
C GLN A 67 21.14 -6.18 5.42
N ALA A 68 20.28 -7.15 5.79
CA ALA A 68 20.55 -8.54 5.47
C ALA A 68 20.70 -8.75 3.97
N MET A 69 19.90 -8.03 3.17
CA MET A 69 20.01 -8.13 1.71
C MET A 69 21.31 -7.52 1.21
N LEU A 70 21.68 -6.35 1.75
CA LEU A 70 22.97 -5.76 1.40
C LEU A 70 24.13 -6.64 1.89
N ASP A 71 23.96 -7.33 3.03
CA ASP A 71 24.93 -8.28 3.56
C ASP A 71 24.94 -9.62 2.83
N LYS A 72 24.01 -9.84 1.91
CA LYS A 72 23.82 -11.10 1.19
C LYS A 72 23.40 -12.24 2.12
N GLU A 73 22.90 -11.91 3.31
CA GLU A 73 22.31 -12.93 4.17
C GLU A 73 21.01 -13.46 3.59
N ILE A 74 20.26 -12.61 2.87
CA ILE A 74 19.10 -13.02 2.09
C ILE A 74 19.28 -12.47 0.67
N ASP A 75 18.48 -13.01 -0.27
CA ASP A 75 18.58 -12.55 -1.65
C ASP A 75 17.44 -11.62 -2.06
N MET A 76 16.28 -11.74 -1.42
CA MET A 76 15.14 -10.93 -1.82
C MET A 76 14.12 -10.96 -0.68
N ALA A 77 13.17 -10.04 -0.74
CA ALA A 77 12.11 -9.97 0.24
C ALA A 77 10.84 -9.53 -0.49
N VAL A 78 9.70 -10.01 -0.01
CA VAL A 78 8.41 -9.67 -0.56
C VAL A 78 7.74 -8.76 0.46
N HIS A 79 7.43 -7.53 0.05
CA HIS A 79 6.72 -6.58 0.90
C HIS A 79 5.40 -6.15 0.26
N SER A 80 4.42 -5.82 1.10
CA SER A 80 3.33 -4.96 0.63
C SER A 80 3.91 -3.63 0.18
N MET A 81 3.56 -3.21 -1.04
CA MET A 81 4.17 -1.99 -1.56
C MET A 81 3.87 -0.79 -0.65
N LYS A 82 2.69 -0.76 -0.03
CA LYS A 82 2.44 0.43 0.80
C LYS A 82 3.27 0.44 2.07
N GLU A 83 3.96 -0.66 2.39
CA GLU A 83 4.91 -0.71 3.50
C GLU A 83 6.34 -0.42 3.09
N MET A 84 6.62 -0.30 1.80
CA MET A 84 7.99 -0.03 1.35
C MET A 84 8.37 1.42 1.65
N PRO A 85 9.56 1.66 2.20
CA PRO A 85 10.03 3.05 2.35
C PRO A 85 10.06 3.72 0.99
N ALA A 86 9.80 5.04 0.99
CA ALA A 86 9.80 5.80 -0.24
C ALA A 86 11.17 5.78 -0.90
N VAL A 87 12.22 5.64 -0.09
CA VAL A 87 13.59 5.70 -0.55
C VAL A 87 14.25 4.40 -0.14
N LEU A 88 14.82 3.67 -1.13
CA LEU A 88 15.59 2.47 -0.90
C LEU A 88 17.07 2.83 -0.81
N PRO A 89 17.83 2.11 0.03
CA PRO A 89 19.27 2.38 0.10
C PRO A 89 19.97 1.99 -1.18
N GLU A 90 21.07 2.69 -1.46
CA GLU A 90 21.86 2.45 -2.66
C GLU A 90 22.34 1.00 -2.69
N GLY A 91 22.17 0.34 -3.83
CA GLY A 91 22.47 -1.06 -3.96
C GLY A 91 21.25 -1.97 -4.03
N LEU A 92 20.10 -1.51 -3.54
CA LEU A 92 18.86 -2.30 -3.54
C LEU A 92 17.88 -1.71 -4.54
N THR A 93 16.95 -2.53 -4.99
CA THR A 93 15.98 -2.08 -5.99
C THR A 93 14.71 -2.89 -5.78
N ILE A 94 13.60 -2.36 -6.28
CA ILE A 94 12.39 -3.15 -6.45
C ILE A 94 12.53 -3.87 -7.80
N GLY A 95 12.74 -5.19 -7.75
CA GLY A 95 13.00 -5.95 -8.94
C GLY A 95 11.78 -6.43 -9.66
N CYS A 96 10.61 -6.37 -9.01
CA CYS A 96 9.40 -6.93 -9.59
C CYS A 96 8.18 -6.37 -8.87
N ILE A 97 7.18 -5.98 -9.64
CA ILE A 97 5.85 -5.62 -9.15
C ILE A 97 4.85 -6.50 -9.88
N PRO A 98 4.29 -7.53 -9.26
CA PRO A 98 3.31 -8.37 -9.95
C PRO A 98 1.96 -7.69 -10.18
N LEU A 99 1.09 -8.40 -10.89
CA LEU A 99 -0.24 -7.91 -11.18
C LEU A 99 -0.95 -7.46 -9.91
N ARG A 100 -1.44 -6.22 -9.92
CA ARG A 100 -2.05 -5.64 -8.72
C ARG A 100 -3.31 -6.39 -8.29
N GLU A 101 -3.46 -6.53 -6.97
CA GLU A 101 -4.73 -6.93 -6.38
C GLU A 101 -5.65 -5.71 -6.30
N ASP A 102 -6.85 -5.92 -5.77
CA ASP A 102 -7.78 -4.82 -5.49
C ASP A 102 -7.06 -3.73 -4.72
N HIS A 103 -7.14 -2.49 -5.21
CA HIS A 103 -6.49 -1.35 -4.57
C HIS A 103 -7.33 -0.67 -3.50
N ARG A 104 -8.61 -1.03 -3.37
CA ARG A 104 -9.52 -0.19 -2.61
C ARG A 104 -9.46 -0.46 -1.11
N ASP A 105 -9.72 0.60 -0.34
CA ASP A 105 -10.16 0.47 1.04
C ASP A 105 -11.55 -0.15 1.08
N ALA A 106 -11.80 -0.95 2.12
CA ALA A 106 -13.06 -1.65 2.28
C ALA A 106 -13.64 -1.31 3.65
N LEU A 107 -14.93 -1.01 3.67
CA LEU A 107 -15.66 -0.76 4.91
C LEU A 107 -16.39 -2.03 5.31
N ILE A 108 -16.20 -2.45 6.56
CA ILE A 108 -16.89 -3.60 7.13
C ILE A 108 -17.67 -3.07 8.32
N SER A 109 -19.00 -3.12 8.24
CA SER A 109 -19.85 -2.59 9.29
C SER A 109 -20.45 -3.73 10.11
N LYS A 110 -20.50 -3.53 11.42
CA LYS A 110 -21.01 -4.55 12.32
C LYS A 110 -22.42 -4.96 11.95
N ASN A 111 -23.28 -3.99 11.63
CA ASN A 111 -24.67 -4.25 11.32
C ASN A 111 -25.01 -4.00 9.85
N GLY A 112 -24.00 -3.92 8.98
CA GLY A 112 -24.23 -3.92 7.56
C GLY A 112 -24.54 -2.59 6.90
N GLU A 113 -24.44 -1.48 7.62
CA GLU A 113 -24.69 -0.16 7.05
C GLU A 113 -23.55 0.24 6.10
N ARG A 114 -23.93 0.78 4.95
CA ARG A 114 -22.95 1.49 4.12
C ARG A 114 -22.50 2.76 4.85
N PHE A 115 -21.46 3.40 4.31
CA PHE A 115 -20.87 4.55 5.00
C PHE A 115 -21.90 5.66 5.23
N GLU A 116 -22.70 5.97 4.21
CA GLU A 116 -23.68 7.03 4.35
C GLU A 116 -24.85 6.63 5.23
N GLU A 117 -24.95 5.35 5.60
CA GLU A 117 -26.03 4.85 6.44
C GLU A 117 -25.65 4.72 7.90
N LEU A 118 -24.35 4.79 8.23
CA LEU A 118 -23.91 4.66 9.62
C LEU A 118 -24.63 5.69 10.48
N PRO A 119 -24.96 5.35 11.73
CA PRO A 119 -25.65 6.32 12.59
C PRO A 119 -24.75 7.49 12.94
N SER A 120 -25.37 8.62 13.26
CA SER A 120 -24.62 9.73 13.81
C SER A 120 -23.76 9.26 14.98
N GLY A 121 -22.50 9.72 15.01
CA GLY A 121 -21.63 9.32 16.09
C GLY A 121 -21.07 7.91 16.00
N ALA A 122 -21.31 7.23 14.89
CA ALA A 122 -20.67 5.93 14.68
C ALA A 122 -19.17 6.03 14.82
N VAL A 123 -18.57 4.99 15.37
CA VAL A 123 -17.13 4.92 15.56
C VAL A 123 -16.58 3.97 14.49
N ILE A 124 -15.65 4.47 13.67
CA ILE A 124 -15.00 3.64 12.66
C ILE A 124 -13.57 3.38 13.09
N GLY A 125 -13.20 2.11 13.12
CA GLY A 125 -11.88 1.73 13.60
C GLY A 125 -10.82 1.69 12.51
N THR A 126 -9.77 2.49 12.68
CA THR A 126 -8.59 2.47 11.82
C THR A 126 -7.52 3.33 12.48
N SER A 127 -6.27 2.84 12.46
CA SER A 127 -5.18 3.66 12.97
C SER A 127 -4.57 4.55 11.89
N SER A 128 -5.10 4.49 10.66
CA SER A 128 -4.56 5.23 9.53
C SER A 128 -5.15 6.63 9.47
N LEU A 129 -4.30 7.66 9.59
CA LEU A 129 -4.78 9.04 9.39
C LEU A 129 -5.20 9.28 7.95
N ARG A 130 -4.54 8.62 6.99
CA ARG A 130 -4.99 8.72 5.61
C ARG A 130 -6.45 8.30 5.46
N ARG A 131 -6.79 7.13 6.01
CA ARG A 131 -8.17 6.64 5.94
C ARG A 131 -9.10 7.53 6.77
N GLY A 132 -8.73 7.79 8.02
CA GLY A 132 -9.62 8.52 8.92
C GLY A 132 -9.91 9.93 8.44
N ALA A 133 -8.86 10.65 7.98
CA ALA A 133 -9.06 12.03 7.55
C ALA A 133 -9.99 12.11 6.34
N GLN A 134 -9.88 11.15 5.42
CA GLN A 134 -10.74 11.19 4.24
C GLN A 134 -12.20 10.89 4.62
N LEU A 135 -12.40 9.92 5.50
CA LEU A 135 -13.76 9.65 6.00
C LEU A 135 -14.33 10.87 6.73
N LEU A 136 -13.53 11.51 7.58
CA LEU A 136 -14.00 12.71 8.27
C LEU A 136 -14.30 13.86 7.31
N SER A 137 -13.60 13.93 6.17
CA SER A 137 -13.90 14.96 5.20
C SER A 137 -15.26 14.75 4.55
N MET A 138 -15.75 13.52 4.51
CA MET A 138 -17.07 13.20 3.98
C MET A 138 -18.17 13.37 5.03
N ARG A 139 -17.92 12.89 6.25
CA ARG A 139 -18.87 12.99 7.37
C ARG A 139 -18.09 13.37 8.62
N SER A 140 -18.27 14.58 9.10
CA SER A 140 -17.61 14.96 10.34
C SER A 140 -18.41 14.57 11.57
N ASP A 141 -19.57 13.94 11.41
CA ASP A 141 -20.36 13.53 12.56
C ASP A 141 -20.06 12.10 13.00
N ILE A 142 -19.17 11.39 12.34
CA ILE A 142 -18.71 10.10 12.81
C ILE A 142 -17.36 10.32 13.50
N GLU A 143 -16.90 9.30 14.21
CA GLU A 143 -15.62 9.37 14.90
C GLU A 143 -14.70 8.28 14.39
N ILE A 144 -13.41 8.59 14.31
CA ILE A 144 -12.38 7.63 13.92
C ILE A 144 -11.57 7.29 15.16
N LYS A 145 -11.45 6.01 15.47
CA LYS A 145 -10.67 5.56 16.62
C LYS A 145 -9.66 4.49 16.22
N TRP A 146 -8.47 4.62 16.78
CA TRP A 146 -7.40 3.65 16.63
C TRP A 146 -7.87 2.22 16.95
N ILE A 147 -7.28 1.26 16.26
CA ILE A 147 -7.54 -0.16 16.46
C ILE A 147 -6.28 -0.88 15.98
N ARG A 148 -5.98 -2.01 16.61
CA ARG A 148 -4.80 -2.77 16.21
C ARG A 148 -5.17 -4.22 16.04
N GLY A 149 -4.35 -4.94 15.28
CA GLY A 149 -4.52 -6.36 15.10
C GLY A 149 -4.49 -6.72 13.63
N ASN A 150 -4.23 -7.99 13.33
CA ASN A 150 -4.35 -8.45 11.95
C ASN A 150 -5.84 -8.46 11.60
N ILE A 151 -6.13 -8.88 10.36
CA ILE A 151 -7.51 -8.84 9.85
C ILE A 151 -8.43 -9.64 10.75
N ASP A 152 -8.04 -10.88 11.07
CA ASP A 152 -8.83 -11.74 11.93
C ASP A 152 -9.12 -11.06 13.27
N THR A 153 -8.11 -10.45 13.86
CA THR A 153 -8.29 -9.79 15.15
C THR A 153 -9.23 -8.60 15.04
N ARG A 154 -9.05 -7.76 14.02
CA ARG A 154 -9.92 -6.59 13.89
C ARG A 154 -11.36 -6.99 13.59
N LEU A 155 -11.56 -8.04 12.80
CA LEU A 155 -12.91 -8.52 12.57
C LEU A 155 -13.56 -9.01 13.86
N GLU A 156 -12.80 -9.68 14.73
CA GLU A 156 -13.35 -10.08 16.03
C GLU A 156 -13.70 -8.87 16.90
N LYS A 157 -12.82 -7.86 16.93
CA LYS A 157 -13.11 -6.67 17.73
C LYS A 157 -14.33 -5.94 17.20
N LEU A 158 -14.57 -5.99 15.89
CA LEU A 158 -15.77 -5.36 15.34
C LEU A 158 -17.03 -5.98 15.94
N LYS A 159 -17.04 -7.31 16.11
CA LYS A 159 -18.21 -7.98 16.68
C LYS A 159 -18.36 -7.75 18.18
N ASN A 160 -17.25 -7.62 18.90
CA ASN A 160 -17.28 -7.69 20.36
C ASN A 160 -17.10 -6.36 21.07
N GLU A 161 -16.62 -5.32 20.37
CA GLU A 161 -16.18 -4.09 21.03
C GLU A 161 -16.98 -2.90 20.49
N ASP A 162 -16.60 -1.71 20.95
CA ASP A 162 -17.33 -0.48 20.67
C ASP A 162 -17.00 0.14 19.31
N TYR A 163 -16.78 -0.66 18.27
CA TYR A 163 -16.66 -0.16 16.91
C TYR A 163 -17.93 -0.49 16.16
N ASP A 164 -18.43 0.49 15.40
CA ASP A 164 -19.53 0.28 14.48
C ASP A 164 -19.06 -0.21 13.12
N ALA A 165 -17.82 0.08 12.75
CA ALA A 165 -17.27 -0.36 11.48
C ALA A 165 -15.74 -0.28 11.56
N ILE A 166 -15.08 -1.00 10.65
CA ILE A 166 -13.63 -0.89 10.51
C ILE A 166 -13.33 -0.70 9.04
N ILE A 167 -12.11 -0.24 8.74
CA ILE A 167 -11.62 -0.13 7.37
C ILE A 167 -10.46 -1.10 7.23
N LEU A 168 -10.47 -1.88 6.14
CA LEU A 168 -9.36 -2.78 5.82
C LEU A 168 -9.05 -2.69 4.33
N ALA A 169 -7.84 -3.10 3.95
CA ALA A 169 -7.55 -3.18 2.52
C ALA A 169 -8.28 -4.38 1.92
N ALA A 170 -9.00 -4.13 0.82
CA ALA A 170 -9.60 -5.24 0.07
C ALA A 170 -8.56 -6.30 -0.28
N ALA A 171 -7.34 -5.87 -0.62
CA ALA A 171 -6.28 -6.77 -1.03
C ALA A 171 -5.88 -7.74 0.07
N GLY A 172 -5.77 -7.26 1.31
CA GLY A 172 -5.44 -8.13 2.43
C GLY A 172 -6.57 -9.12 2.73
N LEU A 173 -7.81 -8.66 2.66
CA LEU A 173 -8.93 -9.58 2.82
C LEU A 173 -8.91 -10.69 1.77
N SER A 174 -8.64 -10.33 0.51
CA SER A 174 -8.57 -11.32 -0.56
C SER A 174 -7.42 -12.29 -0.35
N ARG A 175 -6.21 -11.77 -0.09
CA ARG A 175 -5.05 -12.64 0.09
C ARG A 175 -5.20 -13.57 1.30
N MET A 176 -5.91 -13.13 2.33
CA MET A 176 -6.19 -14.00 3.47
C MET A 176 -7.35 -14.94 3.24
N GLY A 177 -7.95 -14.93 2.05
CA GLY A 177 -9.01 -15.85 1.73
C GLY A 177 -10.39 -15.47 2.20
N TRP A 178 -10.60 -14.23 2.65
CA TRP A 178 -11.93 -13.84 3.13
C TRP A 178 -12.86 -13.67 1.94
N SER A 179 -14.13 -14.03 2.12
CA SER A 179 -15.09 -13.93 1.04
C SER A 179 -15.33 -12.47 0.66
N LYS A 180 -15.65 -12.26 -0.62
CA LYS A 180 -15.97 -10.93 -1.12
C LYS A 180 -17.16 -10.34 -0.37
N ASP A 181 -18.09 -11.19 0.07
CA ASP A 181 -19.25 -10.75 0.81
C ASP A 181 -18.94 -10.38 2.26
N THR A 182 -17.71 -10.61 2.73
CA THR A 182 -17.32 -10.07 4.04
C THR A 182 -17.35 -8.54 4.04
N VAL A 183 -17.13 -7.94 2.88
CA VAL A 183 -17.04 -6.49 2.78
C VAL A 183 -18.45 -5.90 2.71
N THR A 184 -18.70 -4.90 3.56
CA THR A 184 -19.97 -4.18 3.45
C THR A 184 -19.99 -3.28 2.23
N GLN A 185 -18.89 -2.54 2.00
CA GLN A 185 -18.85 -1.56 0.92
C GLN A 185 -17.39 -1.38 0.52
N TYR A 186 -17.09 -1.60 -0.76
CA TYR A 186 -15.79 -1.22 -1.31
C TYR A 186 -15.78 0.28 -1.57
N LEU A 187 -14.81 0.98 -1.00
CA LEU A 187 -14.77 2.42 -1.15
C LEU A 187 -14.02 2.75 -2.43
N GLU A 188 -14.66 3.49 -3.33
CA GLU A 188 -13.99 3.92 -4.53
C GLU A 188 -13.05 5.07 -4.21
N PRO A 189 -12.04 5.30 -5.07
CA PRO A 189 -11.06 6.37 -4.78
C PRO A 189 -11.70 7.73 -4.62
N GLU A 190 -12.86 7.96 -5.23
CA GLU A 190 -13.59 9.21 -5.04
C GLU A 190 -14.08 9.38 -3.61
N ILE A 191 -14.21 8.29 -2.85
CA ILE A 191 -14.51 8.40 -1.44
C ILE A 191 -13.24 8.37 -0.60
N SER A 192 -12.33 7.44 -0.93
CA SER A 192 -11.13 7.20 -0.13
C SER A 192 -10.00 6.87 -1.11
N VAL A 193 -9.11 7.82 -1.33
CA VAL A 193 -7.97 7.51 -2.21
C VAL A 193 -7.06 6.52 -1.48
N PRO A 194 -6.72 5.39 -2.10
CA PRO A 194 -5.89 4.38 -1.43
C PRO A 194 -4.49 4.89 -1.09
N ALA A 195 -3.89 4.23 -0.10
CA ALA A 195 -2.46 4.39 0.14
C ALA A 195 -1.67 4.08 -1.13
N VAL A 196 -0.60 4.85 -1.35
CA VAL A 196 0.32 4.55 -2.45
C VAL A 196 0.72 3.09 -2.38
N GLY A 197 0.60 2.39 -3.52
CA GLY A 197 0.94 0.99 -3.61
C GLY A 197 -0.03 -0.02 -3.02
N GLN A 198 -1.18 0.41 -2.49
CA GLN A 198 -2.09 -0.55 -1.89
C GLN A 198 -2.54 -1.57 -2.93
N GLY A 199 -2.54 -2.85 -2.56
CA GLY A 199 -2.85 -3.92 -3.49
C GLY A 199 -1.68 -4.41 -4.32
N ALA A 200 -0.56 -3.69 -4.31
CA ALA A 200 0.65 -4.11 -5.02
C ALA A 200 1.64 -4.75 -4.05
N LEU A 201 2.40 -5.70 -4.57
CA LEU A 201 3.54 -6.26 -3.86
C LEU A 201 4.80 -5.68 -4.46
N ALA A 202 5.83 -5.50 -3.62
CA ALA A 202 7.15 -5.13 -4.07
C ALA A 202 8.09 -6.30 -3.78
N ILE A 203 8.81 -6.77 -4.79
CA ILE A 203 9.89 -7.72 -4.55
C ILE A 203 11.18 -6.93 -4.63
N GLU A 204 11.88 -6.86 -3.50
CA GLU A 204 13.12 -6.13 -3.35
C GLU A 204 14.28 -7.10 -3.50
N CYS A 205 15.34 -6.67 -4.20
CA CYS A 205 16.56 -7.47 -4.30
C CYS A 205 17.74 -6.53 -4.56
N ARG A 206 18.94 -7.13 -4.64
CA ARG A 206 20.13 -6.34 -4.93
C ARG A 206 20.12 -5.91 -6.40
N GLU A 207 20.50 -4.65 -6.64
CA GLU A 207 20.42 -4.09 -7.98
C GLU A 207 21.34 -4.80 -8.97
N ASN A 208 22.42 -5.41 -8.49
CA ASN A 208 23.37 -6.04 -9.37
C ASN A 208 23.13 -7.54 -9.53
N ASP A 209 22.08 -8.07 -8.91
CA ASP A 209 21.80 -9.50 -8.96
C ASP A 209 21.02 -9.79 -10.25
N HIS A 210 21.76 -9.73 -11.37
CA HIS A 210 21.14 -9.81 -12.68
C HIS A 210 20.42 -11.13 -12.90
N GLU A 211 20.91 -12.21 -12.27
CA GLU A 211 20.28 -13.53 -12.41
C GLU A 211 18.91 -13.54 -11.76
N LEU A 212 18.81 -13.02 -10.53
CA LEU A 212 17.51 -12.95 -9.88
C LEU A 212 16.59 -11.96 -10.59
N LEU A 213 17.13 -10.80 -11.01
CA LEU A 213 16.31 -9.85 -11.75
C LEU A 213 15.73 -10.48 -13.01
N SER A 214 16.53 -11.31 -13.69
CA SER A 214 16.03 -12.00 -14.88
C SER A 214 14.93 -12.99 -14.53
N LEU A 215 15.09 -13.72 -13.43
CA LEU A 215 14.03 -14.63 -12.97
C LEU A 215 12.76 -13.86 -12.60
N LEU A 216 12.92 -12.69 -11.97
CA LEU A 216 11.75 -11.92 -11.55
C LEU A 216 10.98 -11.33 -12.72
N GLN A 217 11.60 -11.14 -13.89
CA GLN A 217 11.00 -10.31 -14.92
C GLN A 217 9.67 -10.87 -15.42
N ALA A 218 9.53 -12.21 -15.55
CA ALA A 218 8.27 -12.74 -16.09
C ALA A 218 7.10 -12.53 -15.14
N LEU A 219 7.38 -12.33 -13.85
CA LEU A 219 6.33 -12.10 -12.87
C LEU A 219 5.93 -10.63 -12.80
N ASN A 220 6.78 -9.74 -13.31
CA ASN A 220 6.50 -8.32 -13.32
C ASN A 220 5.34 -8.02 -14.24
N HIS A 221 4.46 -7.13 -13.80
CA HIS A 221 3.31 -6.72 -14.61
C HIS A 221 3.50 -5.25 -14.97
N ASP A 222 3.81 -4.99 -16.24
CA ASP A 222 4.28 -3.65 -16.59
C ASP A 222 3.22 -2.58 -16.33
N GLU A 223 1.94 -2.91 -16.54
CA GLU A 223 0.91 -1.89 -16.31
C GLU A 223 0.79 -1.54 -14.84
N THR A 224 0.82 -2.54 -13.97
CA THR A 224 0.84 -2.25 -12.54
C THR A 224 2.08 -1.49 -12.15
N ALA A 225 3.23 -1.89 -12.68
CA ALA A 225 4.49 -1.26 -12.28
C ALA A 225 4.51 0.20 -12.71
N ARG A 226 4.03 0.50 -13.92
CA ARG A 226 4.02 1.88 -14.41
C ARG A 226 3.13 2.77 -13.56
N ALA A 227 1.93 2.28 -13.21
CA ALA A 227 1.02 3.06 -12.38
C ALA A 227 1.62 3.29 -11.00
N VAL A 228 2.10 2.21 -10.35
CA VAL A 228 2.70 2.35 -9.02
C VAL A 228 3.93 3.25 -9.07
N ARG A 229 4.68 3.24 -10.18
CA ARG A 229 5.86 4.11 -10.26
C ARG A 229 5.46 5.58 -10.16
N ALA A 230 4.34 5.96 -10.78
CA ALA A 230 3.87 7.34 -10.65
C ALA A 230 3.46 7.65 -9.21
N GLU A 231 2.75 6.73 -8.56
CA GLU A 231 2.37 6.91 -7.16
C GLU A 231 3.59 7.10 -6.28
N ARG A 232 4.64 6.31 -6.54
CA ARG A 232 5.79 6.31 -5.65
C ARG A 232 6.65 7.54 -5.83
N VAL A 233 6.68 8.09 -7.05
CA VAL A 233 7.39 9.35 -7.27
C VAL A 233 6.70 10.49 -6.52
N PHE A 234 5.37 10.56 -6.59
CA PHE A 234 4.61 11.49 -5.76
C PHE A 234 4.95 11.30 -4.29
N LEU A 235 4.91 10.05 -3.81
CA LEU A 235 5.21 9.77 -2.41
C LEU A 235 6.59 10.27 -2.02
N LYS A 236 7.57 10.00 -2.88
CA LYS A 236 8.97 10.35 -2.56
C LYS A 236 9.15 11.85 -2.51
N GLU A 237 8.60 12.58 -3.48
CA GLU A 237 8.76 14.02 -3.54
C GLU A 237 7.98 14.75 -2.45
N MET A 238 6.95 14.11 -1.88
CA MET A 238 6.27 14.69 -0.72
C MET A 238 6.87 14.23 0.59
N GLU A 239 7.85 13.32 0.54
CA GLU A 239 8.43 12.69 1.72
C GLU A 239 7.36 12.01 2.56
N GLY A 240 6.51 11.22 1.87
CA GLY A 240 5.39 10.57 2.51
C GLY A 240 5.74 9.19 3.05
N GLY A 241 4.80 8.63 3.79
CA GLY A 241 4.92 7.27 4.27
C GLY A 241 3.65 6.84 4.97
N CYS A 242 3.76 5.70 5.67
CA CYS A 242 2.63 5.06 6.33
C CYS A 242 1.90 6.00 7.30
N GLN A 243 2.64 6.68 8.16
CA GLN A 243 2.01 7.44 9.23
C GLN A 243 1.39 8.75 8.73
N VAL A 244 1.65 9.10 7.48
CA VAL A 244 1.30 10.40 6.92
C VAL A 244 -0.07 10.33 6.24
N PRO A 245 -0.95 11.34 6.39
CA PRO A 245 -2.22 11.31 5.65
C PRO A 245 -2.00 11.76 4.22
N ILE A 246 -1.32 10.90 3.47
CA ILE A 246 -1.02 11.13 2.06
C ILE A 246 -1.51 9.91 1.29
N ALA A 247 -2.05 10.12 0.10
CA ALA A 247 -2.63 9.03 -0.68
C ALA A 247 -2.36 9.26 -2.16
N GLY A 248 -2.26 8.17 -2.92
CA GLY A 248 -2.06 8.29 -4.35
C GLY A 248 -2.38 7.00 -5.06
N TYR A 249 -3.20 7.07 -6.10
CA TYR A 249 -3.61 5.89 -6.83
C TYR A 249 -3.52 6.17 -8.32
N GLY A 250 -2.74 5.37 -9.02
CA GLY A 250 -2.54 5.52 -10.44
C GLY A 250 -3.17 4.35 -11.17
N ARG A 251 -3.69 4.62 -12.37
CA ARG A 251 -4.20 3.51 -13.16
C ARG A 251 -3.92 3.79 -14.63
N ILE A 252 -3.86 2.71 -15.41
CA ILE A 252 -3.58 2.79 -16.84
C ILE A 252 -4.90 2.94 -17.56
N LEU A 253 -4.96 3.92 -18.44
CA LEU A 253 -6.13 4.14 -19.28
C LEU A 253 -5.93 3.49 -20.64
N ASP A 254 -7.04 3.22 -21.32
CA ASP A 254 -6.95 2.83 -22.72
C ASP A 254 -6.10 3.85 -23.47
N GLY A 255 -5.05 3.37 -24.13
CA GLY A 255 -4.15 4.23 -24.87
C GLY A 255 -2.78 4.43 -24.24
N GLY A 256 -2.54 3.86 -23.05
CA GLY A 256 -1.24 3.97 -22.41
C GLY A 256 -1.12 5.07 -21.37
N ASN A 257 -2.05 6.02 -21.32
CA ASN A 257 -1.96 7.07 -20.33
C ASN A 257 -2.11 6.52 -18.91
N ILE A 258 -1.41 7.16 -17.97
CA ILE A 258 -1.57 6.96 -16.54
C ILE A 258 -2.41 8.10 -16.01
N GLU A 259 -3.40 7.77 -15.17
CA GLU A 259 -4.17 8.76 -14.44
C GLU A 259 -3.82 8.62 -12.97
N LEU A 260 -3.28 9.69 -12.38
CA LEU A 260 -2.85 9.66 -10.97
C LEU A 260 -3.75 10.59 -10.17
N THR A 261 -4.40 10.03 -9.15
CA THR A 261 -5.15 10.81 -8.18
C THR A 261 -4.30 10.92 -6.93
N SER A 262 -3.99 12.14 -6.49
CA SER A 262 -3.10 12.31 -5.35
C SER A 262 -3.77 13.20 -4.31
N LEU A 263 -3.47 12.94 -3.04
CA LEU A 263 -4.22 13.63 -1.99
C LEU A 263 -3.38 13.77 -0.74
N VAL A 264 -3.57 14.88 -0.03
CA VAL A 264 -3.00 15.10 1.30
C VAL A 264 -4.12 15.69 2.14
N ALA A 265 -4.28 15.19 3.37
CA ALA A 265 -5.39 15.60 4.22
C ALA A 265 -4.88 15.99 5.60
N SER A 266 -5.52 16.99 6.19
CA SER A 266 -5.25 17.23 7.61
C SER A 266 -5.89 16.11 8.43
N PRO A 267 -5.35 15.80 9.61
CA PRO A 267 -5.96 14.75 10.45
C PRO A 267 -7.43 14.97 10.77
N ASP A 268 -7.89 16.21 10.91
CA ASP A 268 -9.30 16.42 11.24
C ASP A 268 -10.22 16.37 10.01
N GLY A 269 -9.68 16.16 8.82
CA GLY A 269 -10.47 16.03 7.60
C GLY A 269 -10.99 17.35 7.06
N LYS A 270 -10.63 18.47 7.66
CA LYS A 270 -11.18 19.74 7.25
C LYS A 270 -10.32 20.47 6.23
N THR A 271 -9.12 19.95 5.91
CA THR A 271 -8.29 20.46 4.83
C THR A 271 -7.96 19.29 3.90
N ILE A 272 -8.28 19.43 2.63
CA ILE A 272 -8.03 18.38 1.64
C ILE A 272 -7.36 19.02 0.44
N TYR A 273 -6.13 18.58 0.15
CA TYR A 273 -5.44 18.90 -1.09
C TYR A 273 -5.60 17.72 -2.04
N LYS A 274 -6.06 17.99 -3.26
CA LYS A 274 -6.33 16.89 -4.17
C LYS A 274 -5.92 17.32 -5.57
N GLU A 275 -5.28 16.41 -6.29
CA GLU A 275 -4.74 16.74 -7.60
C GLU A 275 -4.91 15.53 -8.53
N HIS A 276 -5.35 15.79 -9.75
CA HIS A 276 -5.57 14.77 -10.77
CA HIS A 276 -5.55 14.77 -10.77
C HIS A 276 -4.62 15.09 -11.92
N ILE A 277 -3.77 14.14 -12.31
CA ILE A 277 -2.87 14.31 -13.44
C ILE A 277 -2.99 13.10 -14.34
N THR A 278 -3.19 13.32 -15.65
CA THR A 278 -3.24 12.26 -16.65
C THR A 278 -2.18 12.55 -17.71
N GLY A 279 -1.25 11.62 -17.92
CA GLY A 279 -0.26 11.79 -18.96
C GLY A 279 0.45 10.49 -19.26
N LYS A 280 1.60 10.60 -19.94
CA LYS A 280 2.30 9.44 -20.47
C LYS A 280 3.42 8.93 -19.56
N ASP A 281 4.13 9.81 -18.86
CA ASP A 281 5.39 9.48 -18.21
C ASP A 281 5.17 9.38 -16.71
N PRO A 282 5.35 8.21 -16.08
CA PRO A 282 5.05 8.10 -14.64
C PRO A 282 5.90 9.02 -13.78
N ILE A 283 7.17 9.26 -14.16
CA ILE A 283 7.99 10.16 -13.37
C ILE A 283 7.51 11.60 -13.51
N ALA A 284 7.20 12.03 -14.73
CA ALA A 284 6.71 13.39 -14.90
C ALA A 284 5.38 13.60 -14.18
N ILE A 285 4.49 12.62 -14.25
CA ILE A 285 3.18 12.74 -13.61
C ILE A 285 3.32 12.84 -12.10
N GLY A 286 4.04 11.90 -11.49
CA GLY A 286 4.27 11.95 -10.07
C GLY A 286 4.93 13.24 -9.62
N SER A 287 5.94 13.70 -10.38
CA SER A 287 6.63 14.93 -9.99
C SER A 287 5.73 16.14 -10.10
N GLU A 288 4.87 16.21 -11.14
CA GLU A 288 3.97 17.35 -11.25
C GLU A 288 2.94 17.36 -10.13
N ALA A 289 2.40 16.20 -9.79
CA ALA A 289 1.43 16.15 -8.69
C ALA A 289 2.05 16.70 -7.41
N ALA A 290 3.29 16.31 -7.10
CA ALA A 290 3.92 16.81 -5.89
C ALA A 290 4.16 18.32 -6.00
N GLU A 291 4.61 18.78 -7.17
CA GLU A 291 4.86 20.21 -7.33
C GLU A 291 3.60 21.03 -7.09
N ARG A 292 2.50 20.62 -7.73
CA ARG A 292 1.23 21.33 -7.58
C ARG A 292 0.77 21.32 -6.13
N LEU A 293 0.79 20.15 -5.48
CA LEU A 293 0.28 20.10 -4.11
C LEU A 293 1.22 20.82 -3.16
N THR A 294 2.54 20.73 -3.38
CA THR A 294 3.48 21.44 -2.53
C THR A 294 3.24 22.95 -2.58
N SER A 295 2.96 23.48 -3.79
CA SER A 295 2.74 24.91 -3.95
C SER A 295 1.48 25.39 -3.22
N GLN A 296 0.52 24.50 -2.96
CA GLN A 296 -0.70 24.89 -2.28
C GLN A 296 -0.57 24.83 -0.76
N GLY A 297 0.53 24.29 -0.24
CA GLY A 297 0.72 24.16 1.19
C GLY A 297 0.69 22.75 1.73
N ALA A 298 0.57 21.73 0.87
CA ALA A 298 0.41 20.35 1.32
C ALA A 298 1.68 19.82 1.99
N LYS A 299 2.85 20.28 1.57
CA LYS A 299 4.08 19.79 2.19
C LYS A 299 4.27 20.37 3.58
N LEU A 300 3.89 21.64 3.78
CA LEU A 300 3.90 22.23 5.12
C LEU A 300 3.00 21.43 6.06
N LEU A 301 1.83 21.00 5.59
CA LEU A 301 0.94 20.21 6.41
C LEU A 301 1.58 18.88 6.78
N ILE A 302 2.19 18.21 5.80
CA ILE A 302 2.86 16.93 6.06
C ILE A 302 3.95 17.10 7.11
N ASP A 303 4.81 18.11 6.93
CA ASP A 303 5.86 18.38 7.92
C ASP A 303 5.28 18.55 9.31
N ARG A 304 4.20 19.33 9.43
CA ARG A 304 3.61 19.60 10.74
C ARG A 304 3.02 18.35 11.37
N VAL A 305 2.39 17.48 10.56
CA VAL A 305 1.87 16.24 11.10
C VAL A 305 3.02 15.36 11.58
N LYS A 306 4.12 15.29 10.82
CA LYS A 306 5.28 14.52 11.27
C LYS A 306 5.78 14.99 12.64
N GLU A 307 5.86 16.31 12.82
CA GLU A 307 6.34 16.86 14.10
C GLU A 307 5.41 16.48 15.23
N GLU A 308 4.09 16.55 14.99
CA GLU A 308 3.12 16.19 16.02
C GLU A 308 3.18 14.71 16.36
N LEU A 309 3.54 13.85 15.39
CA LEU A 309 3.67 12.41 15.62
C LEU A 309 4.81 12.05 16.59
N ASP A 310 5.47 13.04 17.22
CA ASP A 310 6.41 12.78 18.31
C ASP A 310 5.89 13.35 19.63
C1A DPM B . -0.03 1.26 6.36
C2A DPM B . -1.26 1.68 6.65
C3A DPM B . -1.93 0.63 7.17
C4A DPM B . -1.09 -0.44 7.15
C5A DPM B . -1.74 3.15 6.48
C6A DPM B . -2.57 3.49 5.21
C7A DPM B . -3.42 0.65 7.66
C8A DPM B . -3.53 0.87 9.17
C9A DPM B . -4.99 0.95 9.70
CHA DPM B . 1.10 2.11 5.76
NA DPM B . 0.09 -0.05 6.65
O1A DPM B . -3.25 2.56 4.69
O2A DPM B . -2.52 4.68 4.80
O3A DPM B . -5.13 0.81 10.93
O4A DPM B . -5.93 1.22 8.90
C1B DPM B . -1.25 -2.84 6.37
C2B DPM B . -2.21 -3.61 5.87
C3B DPM B . -1.70 -4.25 4.82
C4B DPM B . -0.43 -3.87 4.65
C5B DPM B . -3.64 -3.78 6.44
C6B DPM B . -4.76 -2.91 5.84
C7B DPM B . -2.48 -5.26 3.93
C8B DPM B . -2.89 -4.75 2.52
C9B DPM B . -1.77 -4.40 1.50
CHB DPM B . -1.37 -1.90 7.59
NB DPM B . -0.15 -2.98 5.62
O1B DPM B . -5.93 -3.19 6.18
O2B DPM B . -4.46 -1.98 5.07
O3B DPM B . -0.75 -5.10 1.55
O4B DPM B . -2.02 -3.55 0.61
#